data_7S7Z
#
_entry.id   7S7Z
#
_cell.length_a   46.561
_cell.length_b   65.666
_cell.length_c   96.428
_cell.angle_alpha   90.000
_cell.angle_beta   90.000
_cell.angle_gamma   90.000
#
_symmetry.space_group_name_H-M   'P 21 21 21'
#
loop_
_entity.id
_entity.type
_entity.pdbx_description
1 polymer 'iAchSnFR Fluorescent Acetylcholine Sensor precursor binding protein'
2 non-polymer 'CHOLINE ION'
3 non-polymer '2-[N-CYCLOHEXYLAMINO]ETHANE SULFONIC ACID'
4 water water
#
_entity_poly.entity_id   1
_entity_poly.type   'polypeptide(L)'
_entity_poly.pdbx_seq_one_letter_code
;MHHHHHHGAQPARSANDTVVVGSIIFTEGIIVANMVAEMIEAHTDLKVVRKLNLGGVNVNFEAIKRGGANNGIDIYVEYT
GHGLVDILGFPATTDPEGAYETVKKEYKRKWNIVWLKPLGFNNTYTLTVKDELAKQYNLKTFSDLAKISDKLILGATMFF
LEGPDGYPGLQKLYNFKFKHTKSMDMGIRYTAIDNNEVQVIDAWATDGLLVSHKLKILEDDKAFFPPYYAAPIIRQDVLD
KHPELKDVLNKLANQISLEEMQKLNYKVDGEGQDPAKVAKEFLKEKGLILQVD
;
_entity_poly.pdbx_strand_id   A
#
# COMPACT_ATOMS: atom_id res chain seq x y z
N ALA A 15 33.10 -9.29 -4.31
CA ALA A 15 32.67 -8.25 -5.25
C ALA A 15 31.94 -7.13 -4.53
N ASN A 16 31.26 -7.48 -3.43
CA ASN A 16 30.53 -6.52 -2.59
C ASN A 16 29.40 -5.84 -3.37
N ASP A 17 28.60 -6.65 -4.05
CA ASP A 17 27.49 -6.11 -4.82
C ASP A 17 26.40 -5.62 -3.88
N THR A 18 25.74 -4.55 -4.29
CA THR A 18 24.64 -4.00 -3.51
C THR A 18 23.43 -3.81 -4.42
N VAL A 19 22.26 -3.73 -3.79
CA VAL A 19 21.02 -3.37 -4.46
C VAL A 19 20.31 -2.31 -3.62
N VAL A 20 19.49 -1.52 -4.28
CA VAL A 20 18.76 -0.43 -3.64
C VAL A 20 17.30 -0.81 -3.54
N VAL A 21 16.78 -0.86 -2.32
CA VAL A 21 15.37 -1.08 -2.06
C VAL A 21 14.75 0.25 -1.71
N GLY A 22 13.71 0.63 -2.44
CA GLY A 22 13.08 1.91 -2.23
C GLY A 22 11.75 1.82 -1.51
N SER A 23 11.34 2.91 -0.89
CA SER A 23 10.01 3.02 -0.30
C SER A 23 9.62 4.49 -0.27
N ILE A 24 8.32 4.75 -0.35
CA ILE A 24 7.87 6.08 0.02
C ILE A 24 7.62 6.07 1.52
N ILE A 25 7.41 7.24 2.10
CA ILE A 25 7.50 7.39 3.56
C ILE A 25 6.09 7.26 4.11
N PHE A 26 5.68 6.01 4.36
CA PHE A 26 4.51 5.71 5.15
C PHE A 26 4.77 4.40 5.87
N THR A 27 4.01 4.13 6.93
CA THR A 27 4.35 3.04 7.84
C THR A 27 4.45 1.70 7.12
N GLU A 28 3.38 1.29 6.44
CA GLU A 28 3.41 0.00 5.77
C GLU A 28 4.53 -0.08 4.75
N GLY A 29 4.70 0.98 3.96
CA GLY A 29 5.72 0.96 2.92
C GLY A 29 7.10 0.71 3.49
N ILE A 30 7.41 1.38 4.60
CA ILE A 30 8.73 1.22 5.19
C ILE A 30 8.88 -0.16 5.80
N ILE A 31 7.83 -0.67 6.48
CA ILE A 31 7.92 -2.01 7.05
C ILE A 31 8.19 -3.05 5.98
N VAL A 32 7.43 -3.02 4.88
CA VAL A 32 7.64 -4.11 3.91
C VAL A 32 8.93 -3.90 3.11
N ALA A 33 9.33 -2.65 2.88
CA ALA A 33 10.65 -2.42 2.27
C ALA A 33 11.76 -2.99 3.15
N ASN A 34 11.64 -2.80 4.47
CA ASN A 34 12.62 -3.38 5.38
C ASN A 34 12.57 -4.90 5.35
N MET A 35 11.38 -5.49 5.26
CA MET A 35 11.32 -6.95 5.14
C MET A 35 12.07 -7.43 3.91
N VAL A 36 11.89 -6.75 2.78
CA VAL A 36 12.61 -7.12 1.57
C VAL A 36 14.12 -7.01 1.80
N ALA A 37 14.55 -5.91 2.41
CA ALA A 37 15.98 -5.71 2.70
C ALA A 37 16.52 -6.82 3.60
N GLU A 38 15.77 -7.17 4.65
CA GLU A 38 16.21 -8.19 5.60
C GLU A 38 16.30 -9.55 4.94
N MET A 39 15.34 -9.88 4.08
CA MET A 39 15.39 -11.16 3.38
C MET A 39 16.61 -11.24 2.47
N ILE A 40 16.88 -10.16 1.73
CA ILE A 40 18.06 -10.14 0.87
C ILE A 40 19.32 -10.33 1.70
N GLU A 41 19.46 -9.57 2.78
CA GLU A 41 20.69 -9.66 3.55
C GLU A 41 20.83 -11.00 4.26
N ALA A 42 19.71 -11.64 4.61
CA ALA A 42 19.78 -12.91 5.33
C ALA A 42 20.13 -14.08 4.42
N HIS A 43 19.62 -14.05 3.19
CA HIS A 43 19.66 -15.23 2.33
C HIS A 43 20.61 -15.10 1.15
N THR A 44 21.27 -13.96 0.99
CA THR A 44 22.23 -13.75 -0.09
C THR A 44 23.47 -13.07 0.48
N ASP A 45 24.48 -12.91 -0.35
CA ASP A 45 25.66 -12.14 0.00
C ASP A 45 25.54 -10.67 -0.37
N LEU A 46 24.38 -10.23 -0.83
CA LEU A 46 24.19 -8.84 -1.23
C LEU A 46 23.95 -7.96 -0.01
N LYS A 47 24.34 -6.69 -0.13
CA LYS A 47 24.05 -5.68 0.87
C LYS A 47 23.04 -4.70 0.28
N VAL A 48 22.21 -4.12 1.15
CA VAL A 48 21.05 -3.36 0.69
C VAL A 48 21.20 -1.90 1.12
N VAL A 49 21.00 -0.99 0.17
CA VAL A 49 20.80 0.41 0.47
C VAL A 49 19.29 0.64 0.59
N ARG A 50 18.85 1.22 1.70
CA ARG A 50 17.44 1.51 1.91
CA ARG A 50 17.44 1.51 1.91
C ARG A 50 17.23 2.98 1.56
N LYS A 51 16.47 3.24 0.50
CA LYS A 51 16.27 4.58 0.01
C LYS A 51 14.82 4.99 0.23
N LEU A 52 14.62 6.16 0.82
CA LEU A 52 13.29 6.69 1.09
C LEU A 52 13.03 7.82 0.10
N ASN A 53 11.93 7.70 -0.62
CA ASN A 53 11.59 8.63 -1.68
C ASN A 53 10.46 9.52 -1.17
N LEU A 54 10.59 10.81 -1.39
CA LEU A 54 9.52 11.75 -1.08
C LEU A 54 8.73 11.99 -2.36
N GLY A 55 7.41 11.96 -2.26
CA GLY A 55 6.55 12.06 -3.41
C GLY A 55 5.45 11.03 -3.35
N GLY A 56 4.73 10.90 -4.45
CA GLY A 56 3.50 10.15 -4.51
C GLY A 56 3.66 8.73 -5.02
N VAL A 57 2.55 8.17 -5.50
CA VAL A 57 2.45 6.75 -5.75
C VAL A 57 3.17 6.35 -7.04
N ASN A 58 3.75 7.33 -7.74
CA ASN A 58 4.49 7.05 -8.97
C ASN A 58 5.99 7.28 -8.86
N VAL A 59 6.49 7.75 -7.71
CA VAL A 59 7.91 8.07 -7.58
CA VAL A 59 7.90 8.07 -7.63
C VAL A 59 8.76 6.80 -7.63
N ASN A 60 8.29 5.73 -6.99
CA ASN A 60 9.06 4.48 -6.99
C ASN A 60 9.11 3.86 -8.38
N PHE A 61 8.02 3.97 -9.13
CA PHE A 61 8.00 3.44 -10.49
C PHE A 61 9.05 4.12 -11.37
N GLU A 62 9.11 5.46 -11.32
CA GLU A 62 10.13 6.17 -12.09
C GLU A 62 11.53 5.84 -11.58
N ALA A 63 11.68 5.69 -10.26
CA ALA A 63 12.98 5.35 -9.71
C ALA A 63 13.44 3.97 -10.16
N ILE A 64 12.52 2.99 -10.24
CA ILE A 64 12.95 1.65 -10.62
C ILE A 64 13.27 1.61 -12.09
N LYS A 65 12.63 2.47 -12.89
CA LYS A 65 13.06 2.61 -14.28
C LYS A 65 14.46 3.20 -14.36
N ARG A 66 14.83 4.09 -13.42
CA ARG A 66 16.19 4.61 -13.39
C ARG A 66 17.19 3.52 -12.98
N GLY A 67 16.95 2.87 -11.84
CA GLY A 67 17.85 1.81 -11.38
C GLY A 67 18.81 2.29 -10.31
N GLY A 68 19.24 1.34 -9.46
CA GLY A 68 20.11 1.68 -8.34
C GLY A 68 21.47 2.23 -8.73
N ALA A 69 21.89 2.03 -9.97
CA ALA A 69 23.14 2.59 -10.44
C ALA A 69 23.01 4.03 -10.94
N ASN A 70 21.78 4.49 -11.20
CA ASN A 70 21.56 5.80 -11.81
C ASN A 70 20.62 6.63 -10.97
N ASN A 71 20.93 6.74 -9.68
CA ASN A 71 20.16 7.53 -8.72
C ASN A 71 18.73 7.02 -8.56
N GLY A 72 18.47 5.76 -8.86
CA GLY A 72 17.14 5.21 -8.68
C GLY A 72 17.15 4.03 -7.73
N ILE A 73 16.23 3.09 -7.94
CA ILE A 73 16.10 1.93 -7.07
C ILE A 73 16.03 0.68 -7.95
N ASP A 74 16.26 -0.46 -7.32
CA ASP A 74 16.23 -1.75 -8.00
C ASP A 74 15.00 -2.56 -7.68
N ILE A 75 14.43 -2.36 -6.50
CA ILE A 75 13.34 -3.17 -5.95
C ILE A 75 12.43 -2.26 -5.15
N TYR A 76 11.13 -2.48 -5.26
CA TYR A 76 10.22 -1.94 -4.25
C TYR A 76 8.92 -2.73 -4.29
N VAL A 77 8.06 -2.47 -3.31
CA VAL A 77 6.79 -3.18 -3.18
C VAL A 77 5.71 -2.30 -3.76
N GLU A 78 5.11 -2.75 -4.86
CA GLU A 78 4.06 -2.03 -5.57
C GLU A 78 2.71 -2.70 -5.31
N TYR A 79 1.63 -2.00 -5.64
CA TYR A 79 0.27 -2.50 -5.44
C TYR A 79 -0.36 -2.75 -6.81
N THR A 80 -0.95 -3.94 -6.98
CA THR A 80 -1.37 -4.35 -8.33
C THR A 80 -2.32 -3.34 -8.96
N GLY A 81 -3.31 -2.87 -8.20
CA GLY A 81 -4.30 -1.97 -8.76
C GLY A 81 -3.72 -0.65 -9.20
N HIS A 82 -2.68 -0.16 -8.51
CA HIS A 82 -2.03 1.06 -8.96
C HIS A 82 -1.37 0.85 -10.33
N GLY A 83 -0.62 -0.25 -10.49
CA GLY A 83 -0.05 -0.56 -11.78
C GLY A 83 -1.11 -0.75 -12.85
N LEU A 84 -2.23 -1.37 -12.49
CA LEU A 84 -3.30 -1.62 -13.46
C LEU A 84 -3.90 -0.32 -13.96
N VAL A 85 -4.25 0.59 -13.04
CA VAL A 85 -4.85 1.85 -13.48
C VAL A 85 -3.84 2.68 -14.27
N ASP A 86 -2.56 2.58 -13.94
CA ASP A 86 -1.54 3.29 -14.71
C ASP A 86 -1.44 2.74 -16.14
N ILE A 87 -1.53 1.42 -16.29
CA ILE A 87 -1.48 0.81 -17.63
C ILE A 87 -2.71 1.20 -18.43
N LEU A 88 -3.88 1.16 -17.81
CA LEU A 88 -5.13 1.38 -18.52
C LEU A 88 -5.37 2.83 -18.85
N GLY A 89 -4.93 3.75 -17.99
CA GLY A 89 -5.23 5.15 -18.16
C GLY A 89 -6.59 5.58 -17.63
N PHE A 90 -7.33 4.67 -16.98
CA PHE A 90 -8.61 5.00 -16.36
C PHE A 90 -8.92 3.92 -15.33
N PRO A 91 -9.63 4.26 -14.25
CA PRO A 91 -9.99 3.24 -13.27
C PRO A 91 -10.82 2.11 -13.86
N ALA A 92 -10.52 0.90 -13.41
CA ALA A 92 -11.31 -0.26 -13.78
C ALA A 92 -11.35 -1.21 -12.60
N THR A 93 -12.31 -2.11 -12.62
CA THR A 93 -12.41 -3.14 -11.61
C THR A 93 -12.19 -4.51 -12.28
N THR A 94 -11.61 -5.41 -11.50
CA THR A 94 -11.29 -6.74 -11.98
C THR A 94 -11.00 -7.57 -10.74
N ASP A 95 -10.85 -8.87 -10.91
CA ASP A 95 -10.54 -9.70 -9.76
C ASP A 95 -9.03 -9.65 -9.51
N PRO A 96 -8.58 -10.07 -8.33
CA PRO A 96 -7.14 -9.95 -8.04
C PRO A 96 -6.25 -10.57 -9.10
N GLU A 97 -6.64 -11.73 -9.64
CA GLU A 97 -5.82 -12.39 -10.64
C GLU A 97 -5.73 -11.54 -11.90
N GLY A 98 -6.85 -10.93 -12.30
CA GLY A 98 -6.82 -10.10 -13.50
C GLY A 98 -5.84 -8.96 -13.38
N ALA A 99 -5.89 -8.26 -12.23
CA ALA A 99 -4.96 -7.15 -12.01
C ALA A 99 -3.53 -7.64 -11.98
N TYR A 100 -3.26 -8.72 -11.23
CA TYR A 100 -1.88 -9.18 -11.06
C TYR A 100 -1.30 -9.68 -12.38
N GLU A 101 -2.02 -10.56 -13.07
CA GLU A 101 -1.47 -11.09 -14.31
C GLU A 101 -1.26 -9.99 -15.34
N THR A 102 -2.18 -9.01 -15.38
CA THR A 102 -2.04 -7.94 -16.36
C THR A 102 -0.81 -7.09 -16.08
N VAL A 103 -0.63 -6.68 -14.82
CA VAL A 103 0.55 -5.85 -14.53
C VAL A 103 1.83 -6.64 -14.70
N LYS A 104 1.83 -7.93 -14.32
CA LYS A 104 3.05 -8.72 -14.47
C LYS A 104 3.46 -8.81 -15.94
N LYS A 105 2.52 -9.16 -16.82
CA LYS A 105 2.86 -9.30 -18.22
C LYS A 105 3.27 -7.96 -18.83
N GLU A 106 2.55 -6.89 -18.48
CA GLU A 106 2.81 -5.61 -19.13
C GLU A 106 4.12 -5.00 -18.64
N TYR A 107 4.40 -5.08 -17.34
CA TYR A 107 5.66 -4.57 -16.83
C TYR A 107 6.84 -5.37 -17.37
N LYS A 108 6.67 -6.70 -17.56
CA LYS A 108 7.75 -7.46 -18.18
C LYS A 108 8.00 -6.99 -19.60
N ARG A 109 6.93 -6.83 -20.40
CA ARG A 109 7.12 -6.49 -21.80
C ARG A 109 7.61 -5.06 -21.99
N LYS A 110 6.97 -4.10 -21.31
CA LYS A 110 7.24 -2.69 -21.59
C LYS A 110 8.48 -2.16 -20.87
N TRP A 111 8.76 -2.66 -19.67
CA TRP A 111 9.78 -2.05 -18.82
C TRP A 111 10.86 -3.02 -18.36
N ASN A 112 10.73 -4.31 -18.67
CA ASN A 112 11.64 -5.33 -18.16
C ASN A 112 11.67 -5.30 -16.63
N ILE A 113 10.50 -5.09 -16.03
CA ILE A 113 10.32 -5.17 -14.59
C ILE A 113 9.53 -6.43 -14.29
N VAL A 114 9.97 -7.17 -13.26
CA VAL A 114 9.44 -8.48 -12.92
C VAL A 114 8.63 -8.34 -11.63
N TRP A 115 7.34 -8.66 -11.71
CA TRP A 115 6.50 -8.78 -10.53
C TRP A 115 6.75 -10.13 -9.88
N LEU A 116 7.18 -10.11 -8.62
CA LEU A 116 7.28 -11.33 -7.85
C LEU A 116 5.92 -11.60 -7.20
N LYS A 117 5.87 -12.59 -6.31
CA LYS A 117 4.57 -13.06 -5.84
C LYS A 117 3.99 -12.11 -4.80
N PRO A 118 2.66 -11.99 -4.74
CA PRO A 118 2.04 -11.08 -3.75
C PRO A 118 2.37 -11.49 -2.33
N LEU A 119 2.52 -10.47 -1.47
CA LEU A 119 2.82 -10.69 -0.06
C LEU A 119 1.67 -11.35 0.68
N GLY A 120 0.43 -11.08 0.26
CA GLY A 120 -0.72 -11.74 0.87
C GLY A 120 -1.88 -10.82 1.22
N PHE A 121 -1.68 -9.51 1.25
CA PHE A 121 -2.73 -8.60 1.66
C PHE A 121 -3.12 -7.63 0.54
N ASN A 122 -4.35 -7.14 0.65
CA ASN A 122 -4.94 -6.17 -0.27
C ASN A 122 -5.13 -4.86 0.48
N ASN A 123 -4.23 -3.90 0.30
CA ASN A 123 -4.32 -2.66 1.05
C ASN A 123 -5.06 -1.62 0.21
N THR A 124 -6.38 -1.80 0.13
CA THR A 124 -7.18 -0.93 -0.72
C THR A 124 -7.55 0.36 -0.01
N TYR A 125 -7.78 1.40 -0.81
CA TYR A 125 -8.52 2.57 -0.33
C TYR A 125 -9.91 2.14 0.13
N THR A 126 -10.41 2.82 1.14
CA THR A 126 -11.78 2.67 1.58
C THR A 126 -12.36 4.06 1.81
N LEU A 127 -13.67 4.13 1.98
CA LEU A 127 -14.29 5.26 2.66
C LEU A 127 -14.83 4.75 3.98
N THR A 128 -14.46 5.43 5.06
CA THR A 128 -14.73 4.98 6.41
C THR A 128 -15.35 6.12 7.21
N VAL A 129 -16.32 5.78 8.06
CA VAL A 129 -17.00 6.78 8.90
C VAL A 129 -17.01 6.27 10.34
N LYS A 130 -17.38 7.15 11.26
CA LYS A 130 -17.59 6.70 12.63
C LYS A 130 -18.76 5.73 12.69
N ASP A 131 -18.63 4.70 13.54
CA ASP A 131 -19.74 3.78 13.74
C ASP A 131 -21.03 4.52 14.07
N GLU A 132 -20.94 5.56 14.89
CA GLU A 132 -22.14 6.28 15.29
C GLU A 132 -22.83 6.95 14.10
N LEU A 133 -22.04 7.51 13.19
CA LEU A 133 -22.64 8.09 11.98
C LEU A 133 -23.30 7.02 11.14
N ALA A 134 -22.65 5.87 10.98
CA ALA A 134 -23.22 4.79 10.20
C ALA A 134 -24.51 4.27 10.82
N LYS A 135 -24.59 4.26 12.15
CA LYS A 135 -25.84 3.86 12.80
C LYS A 135 -26.92 4.91 12.63
N GLN A 136 -26.57 6.19 12.78
CA GLN A 136 -27.56 7.26 12.75
C GLN A 136 -28.10 7.52 11.35
N TYR A 137 -27.46 7.00 10.30
CA TYR A 137 -27.95 7.12 8.94
C TYR A 137 -28.07 5.77 8.23
N ASN A 138 -27.90 4.67 8.96
CA ASN A 138 -27.91 3.30 8.40
C ASN A 138 -27.06 3.23 7.13
N LEU A 139 -25.79 3.60 7.27
CA LEU A 139 -24.85 3.58 6.16
C LEU A 139 -24.21 2.21 6.06
N LYS A 140 -24.24 1.64 4.87
CA LYS A 140 -23.57 0.39 4.55
C LYS A 140 -22.63 0.52 3.37
N THR A 141 -22.99 1.32 2.37
CA THR A 141 -22.31 1.35 1.08
C THR A 141 -21.90 2.77 0.74
N PHE A 142 -21.02 2.87 -0.26
CA PHE A 142 -20.67 4.17 -0.82
C PHE A 142 -21.91 4.89 -1.34
N SER A 143 -22.82 4.14 -1.99
CA SER A 143 -24.02 4.79 -2.51
C SER A 143 -24.85 5.40 -1.38
N ASP A 144 -24.95 4.70 -0.24
CA ASP A 144 -25.63 5.27 0.92
C ASP A 144 -24.98 6.57 1.34
N LEU A 145 -23.65 6.57 1.41
CA LEU A 145 -22.91 7.75 1.87
C LEU A 145 -23.07 8.90 0.89
N ALA A 146 -23.06 8.63 -0.41
CA ALA A 146 -23.18 9.69 -1.39
C ALA A 146 -24.47 10.46 -1.21
N LYS A 147 -25.55 9.77 -0.82
CA LYS A 147 -26.85 10.42 -0.66
C LYS A 147 -26.84 11.48 0.42
N ILE A 148 -25.93 11.40 1.39
CA ILE A 148 -25.85 12.40 2.45
C ILE A 148 -24.52 13.15 2.40
N SER A 149 -23.73 12.96 1.36
CA SER A 149 -22.38 13.50 1.35
C SER A 149 -22.35 15.01 1.44
N ASP A 150 -23.43 15.70 1.02
CA ASP A 150 -23.39 17.16 1.10
C ASP A 150 -23.44 17.68 2.52
N LYS A 151 -23.67 16.81 3.51
CA LYS A 151 -23.63 17.19 4.91
C LYS A 151 -22.26 16.97 5.54
N LEU A 152 -21.31 16.37 4.81
CA LEU A 152 -20.13 15.77 5.41
C LEU A 152 -18.85 16.36 4.83
N ILE A 153 -17.78 16.29 5.62
CA ILE A 153 -16.45 16.72 5.21
C ILE A 153 -15.58 15.48 5.08
N LEU A 154 -14.82 15.40 3.98
CA LEU A 154 -13.88 14.30 3.77
C LEU A 154 -12.48 14.75 4.15
N GLY A 155 -11.84 13.99 5.03
CA GLY A 155 -10.40 14.13 5.28
C GLY A 155 -9.68 12.97 4.62
N ALA A 156 -8.68 13.29 3.81
CA ALA A 156 -8.09 12.24 3.01
C ALA A 156 -6.60 12.50 2.78
N THR A 157 -5.87 11.42 2.52
CA THR A 157 -4.46 11.51 2.18
C THR A 157 -4.28 12.23 0.84
N MET A 158 -3.12 12.85 0.70
CA MET A 158 -2.76 13.47 -0.58
C MET A 158 -2.79 12.46 -1.72
N PHE A 159 -2.37 11.22 -1.45
CA PHE A 159 -2.41 10.18 -2.48
C PHE A 159 -3.84 9.98 -2.99
N PHE A 160 -4.81 9.92 -2.07
CA PHE A 160 -6.19 9.68 -2.45
C PHE A 160 -6.76 10.86 -3.21
N LEU A 161 -6.44 12.07 -2.78
CA LEU A 161 -7.03 13.24 -3.42
C LEU A 161 -6.40 13.56 -4.77
N GLU A 162 -5.19 13.06 -5.04
CA GLU A 162 -4.55 13.39 -6.30
C GLU A 162 -4.61 12.28 -7.34
N GLY A 163 -4.76 11.02 -6.93
CA GLY A 163 -4.65 9.91 -7.85
C GLY A 163 -5.86 9.70 -8.73
N PRO A 164 -5.62 9.26 -9.97
CA PRO A 164 -6.76 8.94 -10.85
C PRO A 164 -7.59 7.79 -10.32
N ASP A 165 -6.97 6.86 -9.61
CA ASP A 165 -7.67 5.80 -8.91
C ASP A 165 -8.22 6.25 -7.56
N GLY A 166 -8.16 7.54 -7.27
CA GLY A 166 -8.58 8.05 -5.99
C GLY A 166 -9.87 8.84 -6.05
N TYR A 167 -9.95 9.91 -5.25
CA TYR A 167 -11.20 10.67 -5.18
C TYR A 167 -11.71 11.21 -6.51
N PRO A 168 -10.88 11.70 -7.45
CA PRO A 168 -11.45 12.19 -8.72
C PRO A 168 -12.43 11.23 -9.40
N GLY A 169 -11.95 10.01 -9.67
CA GLY A 169 -12.78 9.03 -10.35
C GLY A 169 -13.93 8.55 -9.49
N LEU A 170 -13.68 8.37 -8.19
CA LEU A 170 -14.72 7.91 -7.28
C LEU A 170 -15.85 8.91 -7.21
N GLN A 171 -15.51 10.18 -7.06
N GLN A 171 -15.51 10.19 -7.03
CA GLN A 171 -16.50 11.25 -7.00
CA GLN A 171 -16.51 11.24 -7.01
C GLN A 171 -17.32 11.30 -8.28
C GLN A 171 -17.33 11.25 -8.28
N LYS A 172 -16.67 11.12 -9.44
CA LYS A 172 -17.42 11.09 -10.69
C LYS A 172 -18.41 9.95 -10.72
N LEU A 173 -17.96 8.74 -10.34
CA LEU A 173 -18.83 7.56 -10.48
C LEU A 173 -20.04 7.64 -9.56
N TYR A 174 -19.81 7.99 -8.28
CA TYR A 174 -20.89 7.97 -7.30
C TYR A 174 -21.59 9.31 -7.11
N ASN A 175 -21.10 10.37 -7.77
CA ASN A 175 -21.62 11.73 -7.56
C ASN A 175 -21.54 12.11 -6.08
N PHE A 176 -20.37 11.93 -5.50
CA PHE A 176 -20.13 12.42 -4.14
C PHE A 176 -20.14 13.93 -4.15
N LYS A 177 -20.75 14.52 -3.11
CA LYS A 177 -20.91 15.96 -3.00
C LYS A 177 -20.44 16.47 -1.65
N PHE A 178 -19.31 15.96 -1.15
CA PHE A 178 -18.81 16.38 0.15
C PHE A 178 -18.71 17.91 0.21
N LYS A 179 -19.01 18.47 1.40
CA LYS A 179 -18.92 19.90 1.60
C LYS A 179 -17.56 20.43 1.13
N HIS A 180 -16.50 19.75 1.54
CA HIS A 180 -15.16 20.03 1.04
C HIS A 180 -14.28 18.85 1.45
N THR A 181 -13.05 18.87 0.96
CA THR A 181 -12.06 17.86 1.31
C THR A 181 -10.89 18.54 1.98
N LYS A 182 -10.31 17.86 2.97
CA LYS A 182 -9.12 18.33 3.66
C LYS A 182 -8.00 17.35 3.39
N SER A 183 -6.89 17.83 2.84
CA SER A 183 -5.72 16.98 2.63
C SER A 183 -4.95 16.84 3.94
N MET A 184 -4.72 15.59 4.37
CA MET A 184 -4.20 15.33 5.71
C MET A 184 -3.14 14.24 5.71
N ASP A 185 -2.11 14.43 6.54
CA ASP A 185 -1.14 13.37 6.81
C ASP A 185 -1.86 12.11 7.30
N MET A 186 -1.19 10.98 7.20
CA MET A 186 -1.87 9.71 7.40
C MET A 186 -2.42 9.57 8.82
N GLY A 187 -1.60 9.77 9.84
CA GLY A 187 -2.11 9.68 11.20
C GLY A 187 -3.05 10.81 11.55
N ILE A 188 -2.81 12.00 11.00
CA ILE A 188 -3.65 13.16 11.29
C ILE A 188 -5.11 12.87 10.95
N ARG A 189 -5.38 12.10 9.90
CA ARG A 189 -6.78 11.96 9.50
C ARG A 189 -7.56 11.12 10.51
N TYR A 190 -6.90 10.20 11.22
CA TYR A 190 -7.59 9.47 12.28
C TYR A 190 -7.92 10.38 13.45
N THR A 191 -6.99 11.24 13.84
CA THR A 191 -7.29 12.21 14.89
C THR A 191 -8.41 13.14 14.46
N ALA A 192 -8.39 13.56 13.20
CA ALA A 192 -9.39 14.51 12.72
C ALA A 192 -10.78 13.90 12.71
N ILE A 193 -10.91 12.64 12.28
CA ILE A 193 -12.25 12.06 12.32
C ILE A 193 -12.66 11.79 13.77
N ASP A 194 -11.71 11.41 14.62
CA ASP A 194 -12.04 11.24 16.04
C ASP A 194 -12.59 12.53 16.64
N ASN A 195 -11.98 13.67 16.32
CA ASN A 195 -12.39 14.97 16.85
C ASN A 195 -13.60 15.56 16.12
N ASN A 196 -14.13 14.87 15.10
CA ASN A 196 -15.23 15.35 14.28
C ASN A 196 -14.86 16.60 13.47
N GLU A 197 -13.57 16.81 13.22
CA GLU A 197 -13.16 17.81 12.25
C GLU A 197 -13.56 17.39 10.84
N VAL A 198 -13.57 16.08 10.58
CA VAL A 198 -14.09 15.50 9.36
C VAL A 198 -15.01 14.36 9.77
N GLN A 199 -15.85 13.95 8.83
CA GLN A 199 -16.79 12.85 9.08
C GLN A 199 -16.52 11.62 8.24
N VAL A 200 -15.66 11.71 7.23
CA VAL A 200 -15.28 10.58 6.38
C VAL A 200 -13.78 10.67 6.18
N ILE A 201 -13.10 9.52 6.17
CA ILE A 201 -11.69 9.47 5.80
C ILE A 201 -11.46 8.34 4.81
N ASP A 202 -10.38 8.48 4.03
CA ASP A 202 -9.91 7.38 3.17
C ASP A 202 -9.03 6.43 3.98
N ALA A 203 -9.66 5.71 4.91
CA ALA A 203 -8.89 4.69 5.63
C ALA A 203 -8.32 3.69 4.63
N TRP A 204 -7.11 3.24 4.86
CA TRP A 204 -6.52 2.16 4.07
C TRP A 204 -6.71 0.86 4.82
N ALA A 205 -6.96 -0.23 4.09
CA ALA A 205 -7.47 -1.43 4.73
C ALA A 205 -6.52 -1.98 5.78
N THR A 206 -5.21 -1.81 5.59
CA THR A 206 -4.26 -2.33 6.57
C THR A 206 -3.84 -1.32 7.63
N ASP A 207 -4.40 -0.10 7.61
CA ASP A 207 -3.97 0.95 8.53
C ASP A 207 -3.94 0.45 9.96
N GLY A 208 -2.83 0.75 10.66
CA GLY A 208 -2.67 0.30 12.02
C GLY A 208 -3.72 0.86 12.97
N LEU A 209 -4.13 2.12 12.73
CA LEU A 209 -5.05 2.82 13.63
C LEU A 209 -6.51 2.49 13.37
N LEU A 210 -6.81 1.70 12.34
CA LEU A 210 -8.18 1.57 11.86
C LEU A 210 -9.08 0.85 12.86
N VAL A 211 -8.73 -0.39 13.21
CA VAL A 211 -9.56 -1.17 14.12
C VAL A 211 -9.59 -0.60 15.52
N SER A 212 -8.81 0.44 15.79
CA SER A 212 -8.66 1.03 17.12
CA SER A 212 -8.66 1.03 17.12
C SER A 212 -9.42 2.35 17.27
N HIS A 213 -10.26 2.71 16.31
CA HIS A 213 -10.92 4.01 16.33
C HIS A 213 -12.44 3.94 16.19
N LYS A 214 -13.05 2.77 16.36
CA LYS A 214 -14.50 2.62 16.29
C LYS A 214 -15.05 3.18 14.98
N LEU A 215 -14.53 2.64 13.88
CA LEU A 215 -14.89 3.12 12.55
C LEU A 215 -15.54 2.00 11.76
N LYS A 216 -16.40 2.38 10.82
CA LYS A 216 -17.07 1.44 9.91
C LYS A 216 -16.56 1.67 8.50
N ILE A 217 -16.03 0.61 7.91
CA ILE A 217 -15.61 0.60 6.51
C ILE A 217 -16.84 0.36 5.64
N LEU A 218 -17.12 1.28 4.73
CA LEU A 218 -18.29 1.14 3.87
C LEU A 218 -17.95 0.31 2.64
N GLU A 219 -18.98 -0.30 2.06
CA GLU A 219 -18.81 -1.17 0.91
CA GLU A 219 -18.81 -1.17 0.92
C GLU A 219 -18.78 -0.36 -0.38
N ASP A 220 -17.81 -0.69 -1.24
CA ASP A 220 -17.65 -0.10 -2.57
C ASP A 220 -18.62 -0.84 -3.50
N ASP A 221 -19.90 -0.43 -3.44
CA ASP A 221 -20.95 -1.27 -4.01
C ASP A 221 -20.94 -1.28 -5.54
N LYS A 222 -20.46 -0.22 -6.17
CA LYS A 222 -20.30 -0.19 -7.61
C LYS A 222 -18.94 -0.69 -8.08
N ALA A 223 -18.06 -1.06 -7.16
CA ALA A 223 -16.74 -1.63 -7.49
C ALA A 223 -15.90 -0.65 -8.29
N PHE A 224 -15.72 0.56 -7.75
CA PHE A 224 -14.84 1.51 -8.40
C PHE A 224 -13.37 1.10 -8.26
N PHE A 225 -12.96 0.68 -7.06
CA PHE A 225 -11.54 0.48 -6.82
C PHE A 225 -11.06 -0.86 -7.38
N PRO A 226 -9.85 -0.89 -7.93
CA PRO A 226 -9.21 -2.16 -8.28
C PRO A 226 -8.69 -2.85 -7.04
N PRO A 227 -8.26 -4.11 -7.14
CA PRO A 227 -7.51 -4.73 -6.04
C PRO A 227 -6.17 -4.04 -5.85
N TYR A 228 -5.71 -3.99 -4.60
CA TYR A 228 -4.42 -3.38 -4.30
C TYR A 228 -3.52 -4.37 -3.57
N TYR A 229 -3.16 -5.46 -4.24
CA TYR A 229 -2.30 -6.45 -3.62
C TYR A 229 -0.84 -6.04 -3.72
N ALA A 230 -0.16 -6.03 -2.58
CA ALA A 230 1.24 -5.66 -2.51
C ALA A 230 2.11 -6.81 -3.02
N ALA A 231 3.11 -6.47 -3.83
CA ALA A 231 4.06 -7.46 -4.32
C ALA A 231 5.42 -6.81 -4.55
N PRO A 232 6.51 -7.47 -4.20
CA PRO A 232 7.83 -6.94 -4.61
C PRO A 232 7.95 -6.99 -6.13
N ILE A 233 8.54 -5.94 -6.69
CA ILE A 233 8.89 -5.93 -8.10
C ILE A 233 10.36 -5.53 -8.20
N ILE A 234 11.03 -6.08 -9.22
CA ILE A 234 12.49 -6.03 -9.34
C ILE A 234 12.89 -5.84 -10.79
N ARG A 235 13.96 -5.09 -11.03
CA ARG A 235 14.48 -4.94 -12.39
C ARG A 235 14.97 -6.28 -12.92
N GLN A 236 14.72 -6.53 -14.21
CA GLN A 236 15.21 -7.77 -14.80
C GLN A 236 16.73 -7.84 -14.77
N ASP A 237 17.42 -6.71 -14.99
CA ASP A 237 18.88 -6.82 -15.06
C ASP A 237 19.48 -7.12 -13.69
N VAL A 238 18.79 -6.74 -12.61
CA VAL A 238 19.24 -7.12 -11.28
C VAL A 238 19.05 -8.61 -11.07
N LEU A 239 17.91 -9.14 -11.53
CA LEU A 239 17.67 -10.58 -11.50
C LEU A 239 18.69 -11.33 -12.35
N ASP A 240 19.10 -10.73 -13.46
CA ASP A 240 20.12 -11.34 -14.32
C ASP A 240 21.45 -11.40 -13.60
N LYS A 241 21.81 -10.34 -12.89
CA LYS A 241 23.07 -10.34 -12.14
C LYS A 241 22.98 -11.20 -10.88
N HIS A 242 21.79 -11.29 -10.27
CA HIS A 242 21.61 -12.00 -8.99
C HIS A 242 20.35 -12.86 -9.06
N PRO A 243 20.40 -13.99 -9.77
CA PRO A 243 19.16 -14.78 -9.98
C PRO A 243 18.54 -15.31 -8.70
N GLU A 244 19.35 -15.55 -7.66
CA GLU A 244 18.83 -16.10 -6.41
C GLU A 244 17.74 -15.21 -5.81
N LEU A 245 17.80 -13.91 -6.10
CA LEU A 245 16.83 -12.98 -5.52
C LEU A 245 15.41 -13.42 -5.77
N LYS A 246 15.13 -14.01 -6.95
CA LYS A 246 13.75 -14.40 -7.24
C LYS A 246 13.23 -15.31 -6.14
N ASP A 247 13.91 -16.44 -5.92
CA ASP A 247 13.41 -17.39 -4.94
C ASP A 247 13.45 -16.78 -3.55
N VAL A 248 14.48 -15.97 -3.27
CA VAL A 248 14.59 -15.38 -1.94
C VAL A 248 13.39 -14.48 -1.66
N LEU A 249 13.04 -13.62 -2.63
CA LEU A 249 11.96 -12.71 -2.33
C LEU A 249 10.62 -13.43 -2.38
N ASN A 250 10.54 -14.53 -3.14
CA ASN A 250 9.28 -15.24 -3.16
C ASN A 250 9.10 -16.07 -1.91
N LYS A 251 10.10 -16.10 -1.02
CA LYS A 251 9.86 -16.67 0.29
C LYS A 251 8.82 -15.87 1.05
N LEU A 252 8.55 -14.61 0.64
CA LEU A 252 7.52 -13.82 1.30
C LEU A 252 6.13 -14.07 0.74
N ALA A 253 5.99 -14.93 -0.26
CA ALA A 253 4.71 -15.10 -0.95
C ALA A 253 3.65 -15.59 0.02
N ASN A 254 2.54 -14.84 0.09
CA ASN A 254 1.39 -15.14 0.95
C ASN A 254 1.79 -15.25 2.42
N GLN A 255 2.85 -14.55 2.83
CA GLN A 255 3.29 -14.63 4.22
C GLN A 255 2.73 -13.53 5.09
N ILE A 256 2.01 -12.55 4.54
CA ILE A 256 1.48 -11.44 5.33
C ILE A 256 0.01 -11.28 4.99
N SER A 257 -0.86 -11.70 5.91
CA SER A 257 -2.28 -11.48 5.75
C SER A 257 -2.63 -10.03 6.06
N LEU A 258 -3.87 -9.67 5.74
CA LEU A 258 -4.38 -8.35 6.11
C LEU A 258 -4.25 -8.11 7.60
N GLU A 259 -4.61 -9.12 8.41
CA GLU A 259 -4.58 -8.95 9.87
C GLU A 259 -3.15 -8.83 10.38
N GLU A 260 -2.23 -9.62 9.82
CA GLU A 260 -0.83 -9.51 10.21
C GLU A 260 -0.27 -8.15 9.86
N MET A 261 -0.58 -7.65 8.66
CA MET A 261 -0.06 -6.35 8.26
C MET A 261 -0.62 -5.26 9.16
N GLN A 262 -1.91 -5.36 9.50
CA GLN A 262 -2.50 -4.39 10.42
CA GLN A 262 -2.50 -4.39 10.42
C GLN A 262 -1.78 -4.39 11.75
N LYS A 263 -1.46 -5.58 12.27
CA LYS A 263 -0.80 -5.66 13.56
C LYS A 263 0.60 -5.04 13.52
N LEU A 264 1.34 -5.30 12.44
CA LEU A 264 2.67 -4.67 12.30
C LEU A 264 2.56 -3.15 12.21
N ASN A 265 1.62 -2.67 11.39
CA ASN A 265 1.41 -1.24 11.27
C ASN A 265 1.07 -0.63 12.63
N TYR A 266 0.24 -1.33 13.43
CA TYR A 266 -0.11 -0.82 14.75
C TYR A 266 1.08 -0.83 15.69
N LYS A 267 1.96 -1.83 15.58
CA LYS A 267 3.17 -1.81 16.42
C LYS A 267 3.95 -0.53 16.20
N VAL A 268 3.98 -0.03 14.96
CA VAL A 268 4.67 1.23 14.72
C VAL A 268 3.79 2.42 15.12
N ASP A 269 2.58 2.51 14.55
CA ASP A 269 1.76 3.72 14.69
C ASP A 269 1.09 3.84 16.05
N GLY A 270 0.79 2.73 16.70
CA GLY A 270 0.10 2.76 17.98
C GLY A 270 1.01 2.53 19.17
N GLU A 271 2.03 1.68 18.99
CA GLU A 271 2.91 1.33 20.10
C GLU A 271 4.26 2.03 20.03
N GLY A 272 4.58 2.69 18.92
CA GLY A 272 5.80 3.47 18.83
C GLY A 272 7.06 2.67 18.59
N GLN A 273 6.96 1.44 18.09
CA GLN A 273 8.15 0.69 17.77
C GLN A 273 8.73 1.16 16.44
N ASP A 274 10.06 1.03 16.29
CA ASP A 274 10.59 1.46 15.00
C ASP A 274 10.34 0.39 13.94
N PRO A 275 10.14 0.81 12.69
CA PRO A 275 9.76 -0.17 11.66
C PRO A 275 10.83 -1.19 11.33
N ALA A 276 12.12 -0.88 11.50
CA ALA A 276 13.14 -1.88 11.25
C ALA A 276 13.00 -3.06 12.21
N LYS A 277 12.84 -2.75 13.49
CA LYS A 277 12.66 -3.78 14.51
C LYS A 277 11.40 -4.59 14.27
N VAL A 278 10.30 -3.91 13.92
CA VAL A 278 9.04 -4.60 13.69
C VAL A 278 9.18 -5.59 12.54
N ALA A 279 9.82 -5.14 11.44
CA ALA A 279 9.98 -6.01 10.28
C ALA A 279 10.84 -7.22 10.60
N LYS A 280 12.00 -6.98 11.22
CA LYS A 280 12.91 -8.09 11.52
C LYS A 280 12.28 -9.08 12.50
N GLU A 281 11.59 -8.58 13.53
CA GLU A 281 11.00 -9.49 14.50
CA GLU A 281 10.97 -9.47 14.51
C GLU A 281 9.88 -10.33 13.87
N PHE A 282 9.10 -9.73 12.97
CA PHE A 282 8.09 -10.51 12.27
C PHE A 282 8.73 -11.64 11.47
N LEU A 283 9.80 -11.32 10.72
CA LEU A 283 10.43 -12.36 9.90
C LEU A 283 11.01 -13.47 10.75
N LYS A 284 11.64 -13.10 11.87
CA LYS A 284 12.23 -14.13 12.75
C LYS A 284 11.15 -15.00 13.37
N GLU A 285 10.04 -14.39 13.81
CA GLU A 285 9.02 -15.17 14.50
C GLU A 285 8.32 -16.13 13.55
N LYS A 286 8.22 -15.78 12.27
CA LYS A 286 7.60 -16.62 11.27
CA LYS A 286 7.60 -16.62 11.27
C LYS A 286 8.59 -17.56 10.58
N GLY A 287 9.84 -17.64 11.07
CA GLY A 287 10.80 -18.55 10.50
C GLY A 287 11.31 -18.20 9.12
N LEU A 288 11.13 -16.95 8.69
CA LEU A 288 11.56 -16.53 7.36
C LEU A 288 13.02 -16.10 7.32
N ILE A 289 13.58 -15.69 8.46
CA ILE A 289 15.03 -15.54 8.63
C ILE A 289 15.40 -16.20 9.95
N LEU A 290 16.67 -16.59 10.04
CA LEU A 290 17.20 -17.23 11.24
C LEU A 290 17.94 -16.22 12.11
N GLN A 291 17.94 -16.45 13.42
CA GLN A 291 18.73 -15.62 14.32
C GLN A 291 20.21 -15.88 14.10
N VAL A 292 20.98 -14.80 14.00
CA VAL A 292 22.42 -14.93 13.75
C VAL A 292 23.20 -14.87 15.06
#